data_1IC8
#
_entry.id   1IC8
#
_cell.length_a   50.389
_cell.length_b   50.389
_cell.length_c   207.272
_cell.angle_alpha   90.00
_cell.angle_beta   90.00
_cell.angle_gamma   90.00
#
_symmetry.space_group_name_H-M   'P 41'
#
loop_
_entity.id
_entity.type
_entity.pdbx_description
1 polymer "5'-D(*CP*TP*TP*GP*GP*TP*TP*AP*AP*TP*AP*AP*TP*TP*CP*AP*CP*CP*AP*GP*A)-3'"
2 polymer "5'-D(*TP*CP*TP*GP*GP*TP*GP*AP*AP*TP*TP*AP*TP*TP*AP*AP*CP*CP*AP*AP*G)-3'"
3 polymer 'HEPATOCYTE NUCLEAR FACTOR 1-ALPHA'
4 water water
#
loop_
_entity_poly.entity_id
_entity_poly.type
_entity_poly.pdbx_seq_one_letter_code
_entity_poly.pdbx_strand_id
1 'polydeoxyribonucleotide'
;(DC)(DT)(DT)(DG)(DG)(DT)(DT)(DA)(DA)(DT)(DA)(DA)(DT)(DT)(DC)(DA)(DC)(DC)(DA)(DG)
(DA)
;
E
2 'polydeoxyribonucleotide'
;(DT)(DC)(DT)(DG)(DG)(DT)(DG)(DA)(DA)(DT)(DT)(DA)(DT)(DT)(DA)(DA)(DC)(DC)(DA)(DA)
(DG)
;
F
3 'polypeptide(L)'
;ILKELENLSPEEAAHQKAVVETLLQEDPWRVAKMVKSYLQQHNIPQREVVDTTGLNQSHLSQHLNKGTPMKTQKRAALYT
WYVRKQREVAQQFTHAGQGGLIEEPTGDELPTKKGRRNRFKWGPASQQILFQAYERQKNPSKEERETLVEECNRAECIQR
GVSPSQAQGLGSNLVTEVRVYNWFANRRKEEAFR
;
A,B
#
loop_
_chem_comp.id
_chem_comp.type
_chem_comp.name
_chem_comp.formula
DA DNA linking 2'-DEOXYADENOSINE-5'-MONOPHOSPHATE 'C10 H14 N5 O6 P'
DC DNA linking 2'-DEOXYCYTIDINE-5'-MONOPHOSPHATE 'C9 H14 N3 O7 P'
DG DNA linking 2'-DEOXYGUANOSINE-5'-MONOPHOSPHATE 'C10 H14 N5 O7 P'
DT DNA linking THYMIDINE-5'-MONOPHOSPHATE 'C10 H15 N2 O8 P'
#
# COMPACT_ATOMS: atom_id res chain seq x y z
N LYS C 3 -9.33 11.46 -40.05
CA LYS C 3 -8.24 10.47 -39.73
C LYS C 3 -7.19 11.10 -38.84
N GLU C 4 -6.11 10.34 -38.65
CA GLU C 4 -4.97 10.76 -37.85
C GLU C 4 -3.79 10.75 -38.82
N LEU C 5 -3.02 11.83 -38.81
CA LEU C 5 -1.86 11.97 -39.68
C LEU C 5 -0.89 12.95 -39.03
N GLU C 6 -1.15 13.31 -37.78
CA GLU C 6 -0.34 14.28 -37.06
C GLU C 6 0.56 13.78 -35.92
N ASN C 7 0.14 12.74 -35.21
CA ASN C 7 0.92 12.24 -34.08
C ASN C 7 2.40 11.91 -34.34
N LEU C 8 3.04 12.60 -35.30
CA LEU C 8 4.46 12.35 -35.61
C LEU C 8 5.05 13.40 -36.56
N SER C 9 5.67 14.44 -36.01
CA SER C 9 6.30 15.49 -36.81
C SER C 9 7.75 15.70 -36.41
N PRO C 10 8.69 15.55 -37.36
CA PRO C 10 10.11 15.72 -37.03
C PRO C 10 10.40 17.05 -36.34
N GLU C 11 9.98 18.15 -36.94
CA GLU C 11 10.21 19.45 -36.33
C GLU C 11 9.52 19.45 -34.97
N GLU C 12 8.26 19.04 -34.98
CA GLU C 12 7.46 18.99 -33.77
C GLU C 12 8.11 18.08 -32.72
N ALA C 13 8.61 16.93 -33.16
CA ALA C 13 9.25 15.98 -32.28
C ALA C 13 10.50 16.62 -31.69
N ALA C 14 11.24 17.32 -32.53
CA ALA C 14 12.43 17.98 -32.07
C ALA C 14 12.05 18.72 -30.80
N HIS C 15 10.91 19.40 -30.83
CA HIS C 15 10.43 20.15 -29.68
C HIS C 15 10.35 19.22 -28.47
N GLN C 16 9.69 18.08 -28.63
CA GLN C 16 9.58 17.13 -27.53
C GLN C 16 10.98 16.94 -26.93
N LYS C 17 11.86 16.40 -27.75
CA LYS C 17 13.24 16.12 -27.38
C LYS C 17 13.90 17.31 -26.68
N ALA C 18 13.86 18.46 -27.33
CA ALA C 18 14.46 19.67 -26.75
C ALA C 18 13.91 19.95 -25.36
N VAL C 19 12.63 19.64 -25.18
CA VAL C 19 11.98 19.86 -23.90
C VAL C 19 12.61 18.99 -22.81
N VAL C 20 12.77 17.70 -23.11
CA VAL C 20 13.36 16.77 -22.17
C VAL C 20 14.72 17.25 -21.63
N GLU C 21 15.53 17.85 -22.51
CA GLU C 21 16.84 18.32 -22.11
C GLU C 21 16.81 19.63 -21.31
N THR C 22 15.63 20.22 -21.20
CA THR C 22 15.48 21.45 -20.42
C THR C 22 15.05 21.02 -19.01
N LEU C 23 14.28 19.94 -18.98
CA LEU C 23 13.78 19.39 -17.71
C LEU C 23 14.89 18.61 -17.02
N LEU C 24 15.65 17.85 -17.79
CA LEU C 24 16.74 17.05 -17.26
C LEU C 24 17.87 17.96 -16.82
N GLN C 25 17.63 19.26 -16.92
CA GLN C 25 18.59 20.27 -16.52
C GLN C 25 17.95 21.09 -15.41
N GLU C 26 16.62 21.08 -15.36
CA GLU C 26 15.87 21.78 -14.33
C GLU C 26 16.11 21.04 -13.01
N ASP C 27 15.26 21.27 -12.03
CA ASP C 27 15.43 20.58 -10.77
C ASP C 27 14.49 19.36 -10.72
N PRO C 28 15.08 18.14 -10.61
CA PRO C 28 14.35 16.87 -10.55
C PRO C 28 13.04 16.90 -9.77
N TRP C 29 13.12 17.26 -8.48
CA TRP C 29 11.94 17.30 -7.63
C TRP C 29 10.97 18.39 -8.04
N ARG C 30 11.50 19.40 -8.69
CA ARG C 30 10.57 20.40 -9.20
C ARG C 30 9.80 19.88 -10.41
N VAL C 31 10.60 19.22 -11.26
CA VAL C 31 10.04 18.60 -12.45
C VAL C 31 9.18 17.42 -12.05
N ALA C 32 9.62 16.70 -11.02
CA ALA C 32 8.89 15.54 -10.53
C ALA C 32 7.48 15.91 -10.09
N LYS C 33 7.35 16.89 -9.20
CA LYS C 33 6.03 17.29 -8.73
C LYS C 33 5.19 17.91 -9.81
N MET C 34 5.77 18.08 -10.96
CA MET C 34 5.01 18.56 -12.11
C MET C 34 4.38 17.33 -12.76
N VAL C 35 5.23 16.34 -12.92
CA VAL C 35 4.81 15.07 -13.50
C VAL C 35 3.76 14.43 -12.62
N LYS C 36 3.90 14.66 -11.31
CA LYS C 36 2.93 14.13 -10.36
C LYS C 36 1.58 14.84 -10.55
N SER C 37 1.59 16.16 -10.42
CA SER C 37 0.39 16.99 -10.56
C SER C 37 -0.39 16.63 -11.81
N TYR C 38 0.32 16.43 -12.90
CA TYR C 38 -0.34 16.06 -14.14
C TYR C 38 -0.99 14.71 -13.87
N LEU C 39 -0.17 13.72 -13.56
CA LEU C 39 -0.66 12.37 -13.27
C LEU C 39 -1.89 12.44 -12.35
N GLN C 40 -1.87 13.39 -11.44
CA GLN C 40 -2.96 13.58 -10.50
C GLN C 40 -4.16 14.13 -11.24
N GLN C 41 -4.01 15.36 -11.75
CA GLN C 41 -5.07 16.02 -12.48
C GLN C 41 -5.76 15.09 -13.46
N HIS C 42 -4.96 14.32 -14.19
CA HIS C 42 -5.50 13.42 -15.18
C HIS C 42 -5.68 11.98 -14.79
N ASN C 43 -5.59 11.73 -13.49
CA ASN C 43 -5.74 10.40 -12.93
C ASN C 43 -5.25 9.38 -13.93
N ILE C 44 -3.92 9.29 -14.04
CA ILE C 44 -3.26 8.34 -14.93
C ILE C 44 -2.62 7.25 -14.08
N PRO C 45 -3.06 6.00 -14.25
CA PRO C 45 -2.50 4.90 -13.48
C PRO C 45 -0.97 4.93 -13.45
N GLN C 46 -0.40 4.97 -12.24
CA GLN C 46 1.04 4.96 -12.10
C GLN C 46 1.55 3.84 -12.97
N ARG C 47 0.86 2.69 -12.92
CA ARG C 47 1.22 1.51 -13.69
C ARG C 47 1.50 1.78 -15.17
N GLU C 48 0.59 2.52 -15.82
CA GLU C 48 0.73 2.86 -17.23
C GLU C 48 2.11 3.44 -17.55
N VAL C 49 2.67 4.19 -16.60
CA VAL C 49 3.97 4.76 -16.83
C VAL C 49 5.07 3.72 -16.84
N VAL C 50 5.02 2.89 -15.84
CA VAL C 50 6.02 1.86 -15.64
C VAL C 50 5.99 0.83 -16.74
N ASP C 51 4.79 0.48 -17.06
CA ASP C 51 4.54 -0.48 -18.08
C ASP C 51 5.24 -0.04 -19.36
N THR C 52 5.50 1.26 -19.48
CA THR C 52 6.12 1.81 -20.68
C THR C 52 7.55 2.36 -20.52
N THR C 53 7.81 3.11 -19.46
CA THR C 53 9.16 3.63 -19.27
C THR C 53 10.12 2.52 -18.83
N GLY C 54 9.59 1.46 -18.28
CA GLY C 54 10.44 0.39 -17.84
C GLY C 54 11.09 0.78 -16.54
N LEU C 55 10.51 1.77 -15.86
CA LEU C 55 11.01 2.23 -14.57
C LEU C 55 10.39 1.43 -13.42
N ASN C 56 11.15 1.25 -12.35
CA ASN C 56 10.69 0.47 -11.21
C ASN C 56 9.62 1.13 -10.35
N GLN C 57 8.43 0.54 -10.35
CA GLN C 57 7.26 1.05 -9.60
C GLN C 57 7.62 1.65 -8.25
N SER C 58 8.35 0.89 -7.46
CA SER C 58 8.75 1.38 -6.16
C SER C 58 9.55 2.64 -6.39
N HIS C 59 10.55 2.52 -7.26
CA HIS C 59 11.45 3.63 -7.57
C HIS C 59 10.70 4.87 -8.02
N LEU C 60 9.87 4.71 -9.04
CA LEU C 60 9.08 5.81 -9.55
C LEU C 60 8.28 6.47 -8.44
N SER C 61 7.48 5.68 -7.73
CA SER C 61 6.67 6.20 -6.65
C SER C 61 7.50 7.05 -5.71
N GLN C 62 8.59 6.45 -5.30
CA GLN C 62 9.51 7.08 -4.35
C GLN C 62 10.07 8.39 -4.91
N HIS C 63 10.15 8.48 -6.21
CA HIS C 63 10.72 9.66 -6.82
C HIS C 63 9.68 10.76 -7.00
N LEU C 64 8.45 10.36 -7.33
CA LEU C 64 7.38 11.32 -7.52
C LEU C 64 6.78 11.86 -6.22
N ASN C 65 6.78 11.03 -5.18
CA ASN C 65 6.20 11.44 -3.91
C ASN C 65 7.26 11.82 -2.86
N LYS C 66 8.39 11.18 -2.95
CA LYS C 66 9.55 11.48 -2.10
C LYS C 66 10.65 11.94 -3.04
N GLY C 67 11.49 12.83 -2.60
CA GLY C 67 12.56 13.35 -3.47
C GLY C 67 13.68 12.35 -3.64
N THR C 68 13.36 11.09 -3.89
CA THR C 68 14.41 10.11 -4.05
C THR C 68 15.12 10.29 -5.38
N PRO C 69 16.45 10.19 -5.36
CA PRO C 69 17.36 10.35 -6.49
C PRO C 69 17.15 9.38 -7.63
N MET C 70 17.00 9.92 -8.84
CA MET C 70 16.82 9.07 -10.01
C MET C 70 17.81 9.49 -11.09
N LYS C 71 18.63 8.52 -11.53
CA LYS C 71 19.61 8.77 -12.57
C LYS C 71 19.01 9.43 -13.79
N THR C 72 19.79 10.32 -14.38
CA THR C 72 19.38 11.06 -15.56
C THR C 72 18.73 10.17 -16.61
N GLN C 73 19.38 9.08 -17.00
CA GLN C 73 18.79 8.28 -18.06
C GLN C 73 17.39 7.87 -17.70
N LYS C 74 17.18 7.47 -16.45
CA LYS C 74 15.85 7.08 -16.00
C LYS C 74 14.95 8.31 -16.20
N ARG C 75 15.21 9.37 -15.45
CA ARG C 75 14.42 10.58 -15.55
C ARG C 75 14.17 10.97 -16.99
N ALA C 76 15.09 10.59 -17.87
CA ALA C 76 14.91 10.91 -19.27
C ALA C 76 13.72 10.13 -19.74
N ALA C 77 13.66 8.87 -19.33
CA ALA C 77 12.57 7.96 -19.68
C ALA C 77 11.24 8.54 -19.24
N LEU C 78 11.23 9.06 -18.02
CA LEU C 78 10.01 9.63 -17.49
C LEU C 78 9.60 10.91 -18.20
N TYR C 79 10.51 11.89 -18.20
CA TYR C 79 10.26 13.18 -18.85
C TYR C 79 9.75 12.97 -20.26
N THR C 80 10.35 12.03 -20.98
CA THR C 80 9.86 11.74 -22.33
C THR C 80 8.41 11.31 -22.28
N TRP C 81 8.17 10.13 -21.71
CA TRP C 81 6.82 9.58 -21.61
C TRP C 81 5.86 10.72 -21.31
N TYR C 82 6.20 11.53 -20.31
CA TYR C 82 5.41 12.68 -19.89
C TYR C 82 5.10 13.62 -21.06
N VAL C 83 6.15 14.09 -21.72
CA VAL C 83 5.98 15.00 -22.85
C VAL C 83 5.25 14.37 -24.03
N ARG C 84 5.44 13.08 -24.22
CA ARG C 84 4.82 12.40 -25.34
C ARG C 84 3.39 12.01 -24.99
N LYS C 85 3.08 12.05 -23.70
CA LYS C 85 1.76 11.69 -23.25
C LYS C 85 0.67 12.64 -23.74
N GLN C 86 1.04 13.87 -24.05
CA GLN C 86 0.03 14.81 -24.53
C GLN C 86 -0.56 14.41 -25.86
N ARG C 87 -0.53 13.13 -26.06
CA ARG C 87 -1.21 12.50 -27.17
C ARG C 87 -2.60 12.25 -26.64
N GLU C 88 -2.75 12.85 -25.47
CA GLU C 88 -3.95 12.78 -24.65
C GLU C 88 -4.83 14.01 -24.91
N VAL C 89 -4.22 15.14 -25.23
CA VAL C 89 -5.01 16.34 -25.53
C VAL C 89 -5.65 16.13 -26.89
N ALA C 90 -4.92 15.43 -27.76
CA ALA C 90 -5.40 15.13 -29.09
C ALA C 90 -6.67 14.33 -28.91
N GLN C 91 -6.75 13.67 -27.76
CA GLN C 91 -7.90 12.82 -27.45
C GLN C 91 -9.02 13.54 -26.73
N GLN C 92 -8.75 14.73 -26.24
CA GLN C 92 -9.76 15.51 -25.53
C GLN C 92 -10.14 16.64 -26.50
N PHE C 93 -9.44 16.68 -27.62
CA PHE C 93 -9.70 17.70 -28.63
C PHE C 93 -10.59 17.10 -29.69
N THR C 94 -10.57 15.78 -29.79
CA THR C 94 -11.38 15.10 -30.80
C THR C 94 -12.30 14.07 -30.13
N HIS C 95 -13.53 14.48 -29.85
CA HIS C 95 -14.53 13.60 -29.24
C HIS C 95 -14.71 12.30 -30.03
N ALA C 96 -13.81 12.06 -30.98
CA ALA C 96 -13.79 10.88 -31.85
C ALA C 96 -15.18 10.49 -32.37
N ARG C 117 -7.80 -2.45 -20.56
CA ARG C 117 -7.21 -1.12 -20.73
C ARG C 117 -6.62 -0.66 -19.39
N ASN C 118 -7.20 0.38 -18.82
CA ASN C 118 -6.79 0.92 -17.52
C ASN C 118 -8.02 0.89 -16.64
N ARG C 119 -7.85 0.51 -15.38
CA ARG C 119 -8.99 0.45 -14.46
C ARG C 119 -9.43 1.86 -14.10
N PHE C 120 -10.73 2.03 -13.96
CA PHE C 120 -11.32 3.34 -13.65
C PHE C 120 -10.88 3.85 -12.30
N LYS C 121 -10.69 5.15 -12.19
CA LYS C 121 -10.29 5.73 -10.92
C LYS C 121 -11.13 6.95 -10.61
N TRP C 122 -11.61 7.05 -9.37
CA TRP C 122 -12.42 8.18 -8.95
C TRP C 122 -11.58 9.44 -8.67
N GLY C 123 -11.79 10.50 -9.44
CA GLY C 123 -11.05 11.71 -9.19
C GLY C 123 -11.57 12.40 -7.94
N PRO C 124 -10.69 13.05 -7.15
CA PRO C 124 -11.12 13.74 -5.93
C PRO C 124 -12.32 14.62 -6.17
N ALA C 125 -12.35 15.27 -7.34
CA ALA C 125 -13.45 16.16 -7.74
C ALA C 125 -14.78 15.44 -7.71
N SER C 126 -14.89 14.37 -8.48
CA SER C 126 -16.12 13.61 -8.51
C SER C 126 -16.51 13.06 -7.14
N GLN C 127 -15.53 12.73 -6.30
CA GLN C 127 -15.84 12.19 -5.00
C GLN C 127 -16.45 13.24 -4.09
N GLN C 128 -15.82 14.41 -4.03
CA GLN C 128 -16.33 15.49 -3.19
C GLN C 128 -17.83 15.64 -3.38
N ILE C 129 -18.32 15.29 -4.58
CA ILE C 129 -19.76 15.38 -4.84
C ILE C 129 -20.43 14.05 -4.58
N LEU C 130 -19.76 12.96 -4.94
CA LEU C 130 -20.35 11.64 -4.71
C LEU C 130 -20.77 11.59 -3.25
N PHE C 131 -20.05 12.30 -2.41
CA PHE C 131 -20.37 12.33 -1.00
C PHE C 131 -21.66 13.07 -0.72
N GLN C 132 -21.99 14.06 -1.57
CA GLN C 132 -23.23 14.81 -1.41
C GLN C 132 -24.40 13.85 -1.34
N ALA C 133 -24.79 13.32 -2.48
CA ALA C 133 -25.91 12.39 -2.54
C ALA C 133 -25.93 11.53 -1.27
N TYR C 134 -24.74 11.17 -0.78
CA TYR C 134 -24.66 10.35 0.41
C TYR C 134 -25.07 11.14 1.64
N GLU C 135 -24.47 12.32 1.83
CA GLU C 135 -24.80 13.18 2.97
C GLU C 135 -26.27 13.58 2.87
N ARG C 136 -26.71 13.75 1.62
CA ARG C 136 -28.08 14.14 1.31
C ARG C 136 -29.02 12.94 1.40
N GLN C 137 -28.70 11.89 0.67
CA GLN C 137 -29.53 10.68 0.65
C GLN C 137 -28.89 9.54 -0.13
N LYS C 138 -28.36 8.55 0.58
CA LYS C 138 -27.72 7.41 -0.06
C LYS C 138 -28.56 6.68 -1.11
N ASN C 139 -29.70 7.27 -1.51
CA ASN C 139 -30.57 6.64 -2.51
C ASN C 139 -29.92 6.49 -3.88
N PRO C 140 -29.93 5.26 -4.43
CA PRO C 140 -29.36 4.89 -5.73
C PRO C 140 -30.29 5.13 -6.93
N SER C 141 -31.18 6.11 -6.82
CA SER C 141 -32.11 6.40 -7.91
C SER C 141 -31.41 6.52 -9.27
N LYS C 142 -31.74 5.60 -10.17
CA LYS C 142 -31.15 5.59 -11.51
C LYS C 142 -31.47 6.89 -12.26
N GLU C 143 -32.02 7.85 -11.53
CA GLU C 143 -32.37 9.15 -12.11
C GLU C 143 -31.53 10.24 -11.44
N GLU C 144 -31.59 10.28 -10.11
CA GLU C 144 -30.83 11.26 -9.36
C GLU C 144 -29.37 10.79 -9.32
N ARG C 145 -29.04 9.86 -10.19
CA ARG C 145 -27.70 9.28 -10.30
C ARG C 145 -26.98 10.07 -11.38
N GLU C 146 -27.67 10.20 -12.51
CA GLU C 146 -27.21 10.92 -13.68
C GLU C 146 -27.06 12.36 -13.23
N THR C 147 -27.94 12.78 -12.33
CA THR C 147 -27.94 14.13 -11.79
C THR C 147 -26.56 14.41 -11.23
N LEU C 148 -25.77 13.34 -11.11
CA LEU C 148 -24.41 13.44 -10.59
C LEU C 148 -23.40 12.90 -11.60
N VAL C 149 -23.78 11.86 -12.35
CA VAL C 149 -22.89 11.28 -13.34
C VAL C 149 -22.21 12.33 -14.21
N GLU C 150 -23.01 13.22 -14.77
CA GLU C 150 -22.47 14.29 -15.61
C GLU C 150 -22.08 15.46 -14.70
N GLU C 151 -22.44 15.36 -13.42
CA GLU C 151 -22.12 16.39 -12.43
C GLU C 151 -20.71 16.11 -11.94
N CYS C 152 -20.26 14.88 -12.17
CA CYS C 152 -18.94 14.45 -11.78
C CYS C 152 -18.08 14.70 -13.00
N ASN C 153 -18.51 14.14 -14.13
CA ASN C 153 -17.81 14.28 -15.39
C ASN C 153 -17.60 15.74 -15.75
N ARG C 154 -18.57 16.58 -15.42
CA ARG C 154 -18.39 18.00 -15.73
C ARG C 154 -17.21 18.44 -14.88
N ALA C 155 -17.15 17.92 -13.66
CA ALA C 155 -16.08 18.25 -12.73
C ALA C 155 -14.77 17.66 -13.22
N GLU C 156 -14.80 16.38 -13.56
CA GLU C 156 -13.60 15.70 -14.05
C GLU C 156 -13.02 16.45 -15.24
N CYS C 157 -13.88 16.77 -16.21
CA CYS C 157 -13.46 17.52 -17.38
C CYS C 157 -12.89 18.88 -16.93
N ILE C 158 -13.62 19.60 -16.08
CA ILE C 158 -13.13 20.89 -15.61
C ILE C 158 -11.74 20.74 -15.00
N GLN C 159 -11.65 19.99 -13.89
CA GLN C 159 -10.40 19.77 -13.16
C GLN C 159 -9.25 19.64 -14.12
N ARG C 160 -9.39 18.79 -15.14
CA ARG C 160 -8.30 18.60 -16.08
C ARG C 160 -8.34 19.48 -17.32
N GLY C 161 -7.92 20.73 -17.15
CA GLY C 161 -7.87 21.71 -18.23
C GLY C 161 -9.14 21.90 -19.03
N VAL C 162 -9.33 21.04 -20.04
CA VAL C 162 -10.50 21.07 -20.90
C VAL C 162 -11.75 21.21 -20.04
N SER C 163 -12.91 21.32 -20.70
CA SER C 163 -14.15 21.48 -19.94
C SER C 163 -15.41 21.28 -20.73
N PRO C 164 -15.42 20.98 -22.02
CA PRO C 164 -16.69 20.83 -22.68
C PRO C 164 -17.40 19.70 -22.02
N SER C 165 -18.55 19.97 -21.48
CA SER C 165 -19.33 18.91 -20.81
C SER C 165 -19.34 17.67 -21.67
N GLN C 166 -18.99 17.84 -22.94
CA GLN C 166 -18.99 16.74 -23.89
C GLN C 166 -17.63 16.17 -24.31
N ALA C 167 -16.54 16.81 -23.93
CA ALA C 167 -15.24 16.23 -24.27
C ALA C 167 -15.24 14.87 -23.55
N GLN C 168 -15.37 13.79 -24.33
CA GLN C 168 -15.42 12.43 -23.80
C GLN C 168 -14.04 11.81 -23.69
N GLY C 169 -13.02 12.66 -23.82
CA GLY C 169 -11.65 12.19 -23.75
C GLY C 169 -11.30 11.61 -22.40
N LEU C 170 -12.28 11.50 -21.51
CA LEU C 170 -12.02 10.94 -20.18
C LEU C 170 -11.73 9.45 -20.30
N GLY C 171 -12.02 8.89 -21.46
CA GLY C 171 -11.76 7.49 -21.66
C GLY C 171 -12.12 6.70 -20.43
N SER C 172 -11.21 5.85 -19.98
CA SER C 172 -11.42 4.98 -18.84
C SER C 172 -11.70 5.61 -17.47
N ASN C 173 -11.46 6.90 -17.30
CA ASN C 173 -11.75 7.50 -16.00
C ASN C 173 -13.11 8.16 -15.97
N LEU C 174 -13.82 8.07 -17.10
CA LEU C 174 -15.14 8.64 -17.26
C LEU C 174 -16.18 8.09 -16.27
N VAL C 175 -16.83 9.00 -15.54
CA VAL C 175 -17.85 8.64 -14.57
C VAL C 175 -19.05 8.01 -15.26
N THR C 176 -19.38 6.80 -14.85
CA THR C 176 -20.52 6.07 -15.40
C THR C 176 -21.30 5.43 -14.27
N GLU C 177 -22.38 4.73 -14.62
CA GLU C 177 -23.21 4.07 -13.64
C GLU C 177 -22.71 2.67 -13.35
N VAL C 178 -21.77 2.22 -14.16
CA VAL C 178 -21.10 0.95 -13.90
C VAL C 178 -20.06 1.26 -12.85
N ARG C 179 -20.26 2.43 -12.27
CA ARG C 179 -19.34 2.96 -11.27
C ARG C 179 -20.06 3.70 -10.14
N VAL C 180 -20.83 4.74 -10.50
CA VAL C 180 -21.52 5.51 -9.47
C VAL C 180 -22.33 4.62 -8.56
N TYR C 181 -23.14 3.74 -9.15
CA TYR C 181 -23.95 2.83 -8.36
C TYR C 181 -23.08 2.10 -7.34
N ASN C 182 -21.84 1.79 -7.72
CA ASN C 182 -20.93 1.10 -6.84
C ASN C 182 -20.36 2.01 -5.75
N TRP C 183 -20.00 3.22 -6.11
CA TRP C 183 -19.43 4.16 -5.13
C TRP C 183 -20.40 4.31 -3.97
N PHE C 184 -21.67 4.04 -4.24
CA PHE C 184 -22.67 4.13 -3.19
C PHE C 184 -22.71 2.76 -2.54
N ALA C 185 -22.85 1.73 -3.36
CA ALA C 185 -22.87 0.38 -2.84
C ALA C 185 -21.78 0.26 -1.79
N ASN C 186 -20.53 0.33 -2.24
CA ASN C 186 -19.38 0.22 -1.36
C ASN C 186 -19.50 1.10 -0.12
N ARG C 187 -19.67 2.41 -0.31
CA ARG C 187 -19.79 3.30 0.84
C ARG C 187 -20.82 2.72 1.82
N ARG C 188 -21.81 2.01 1.28
CA ARG C 188 -22.85 1.38 2.11
C ARG C 188 -22.20 0.31 3.01
N LYS C 189 -21.68 -0.75 2.37
CA LYS C 189 -21.03 -1.86 3.07
C LYS C 189 -19.95 -1.39 4.05
N GLU C 190 -19.79 -0.08 4.16
CA GLU C 190 -18.81 0.52 5.06
C GLU C 190 -19.44 0.84 6.42
N GLU C 191 -20.15 1.96 6.47
CA GLU C 191 -20.80 2.40 7.71
C GLU C 191 -21.53 1.26 8.44
N ALA C 192 -21.68 1.42 9.75
CA ALA C 192 -22.34 0.42 10.59
C ALA C 192 -23.44 1.01 11.49
N ILE D 1 17.26 -28.37 15.14
CA ILE D 1 16.11 -29.30 14.98
C ILE D 1 15.35 -29.45 16.30
N LEU D 2 14.61 -28.39 16.68
CA LEU D 2 13.82 -28.41 17.92
C LEU D 2 12.75 -29.51 17.84
N LYS D 3 12.30 -29.98 19.01
CA LYS D 3 11.30 -31.04 19.08
C LYS D 3 9.89 -30.55 19.41
N GLU D 4 8.90 -31.34 19.01
CA GLU D 4 7.49 -31.04 19.27
C GLU D 4 6.78 -32.38 19.40
N LEU D 5 7.45 -33.33 20.07
CA LEU D 5 6.94 -34.69 20.28
C LEU D 5 5.60 -34.85 21.00
N GLU D 6 4.77 -33.83 20.93
CA GLU D 6 3.44 -33.85 21.53
C GLU D 6 2.57 -33.08 20.55
N ASN D 7 3.25 -32.51 19.56
CA ASN D 7 2.65 -31.73 18.49
C ASN D 7 1.34 -32.40 18.08
N LEU D 8 1.38 -33.72 17.96
CA LEU D 8 0.22 -34.49 17.58
C LEU D 8 -0.32 -35.28 18.78
N SER D 9 -0.78 -34.56 19.79
CA SER D 9 -1.33 -35.16 20.99
C SER D 9 -2.85 -35.31 20.85
N PRO D 10 -3.42 -36.36 21.47
CA PRO D 10 -4.87 -36.57 21.39
C PRO D 10 -5.62 -35.39 21.99
N GLU D 11 -5.44 -35.19 23.30
CA GLU D 11 -6.08 -34.11 24.02
C GLU D 11 -5.68 -32.78 23.38
N GLU D 12 -4.37 -32.56 23.29
CA GLU D 12 -3.81 -31.33 22.73
C GLU D 12 -4.53 -30.83 21.47
N ALA D 13 -4.79 -31.74 20.53
CA ALA D 13 -5.48 -31.39 19.30
C ALA D 13 -6.95 -31.18 19.62
N ALA D 14 -7.50 -32.10 20.40
CA ALA D 14 -8.89 -32.02 20.80
C ALA D 14 -9.18 -30.59 21.23
N HIS D 15 -8.34 -30.07 22.13
CA HIS D 15 -8.52 -28.70 22.61
C HIS D 15 -8.47 -27.68 21.47
N GLN D 16 -7.56 -27.90 20.52
CA GLN D 16 -7.46 -26.99 19.40
C GLN D 16 -8.80 -26.94 18.65
N LYS D 17 -9.31 -28.12 18.28
CA LYS D 17 -10.58 -28.22 17.56
C LYS D 17 -11.71 -27.53 18.29
N ALA D 18 -11.66 -27.55 19.62
CA ALA D 18 -12.68 -26.94 20.44
C ALA D 18 -12.59 -25.41 20.47
N VAL D 19 -11.39 -24.89 20.63
CA VAL D 19 -11.21 -23.44 20.68
C VAL D 19 -11.61 -22.76 19.37
N VAL D 20 -11.10 -23.25 18.24
CA VAL D 20 -11.47 -22.67 16.97
C VAL D 20 -12.97 -22.80 16.87
N GLU D 21 -13.46 -23.93 17.35
CA GLU D 21 -14.87 -24.25 17.38
C GLU D 21 -15.62 -23.21 18.24
N THR D 22 -14.90 -22.60 19.19
CA THR D 22 -15.50 -21.59 20.07
C THR D 22 -15.49 -20.22 19.40
N LEU D 23 -14.30 -19.75 19.05
CA LEU D 23 -14.15 -18.46 18.40
C LEU D 23 -15.12 -18.37 17.24
N LEU D 24 -15.34 -19.51 16.59
CA LEU D 24 -16.23 -19.59 15.45
C LEU D 24 -17.66 -19.24 15.81
N GLN D 25 -17.91 -19.10 17.11
CA GLN D 25 -19.24 -18.75 17.60
C GLN D 25 -19.14 -17.32 18.08
N GLU D 26 -18.01 -17.02 18.72
CA GLU D 26 -17.72 -15.68 19.24
C GLU D 26 -17.92 -14.62 18.16
N ASP D 27 -17.83 -13.37 18.55
CA ASP D 27 -17.98 -12.31 17.58
C ASP D 27 -16.78 -12.30 16.62
N PRO D 28 -17.05 -12.54 15.34
CA PRO D 28 -16.01 -12.57 14.30
C PRO D 28 -14.96 -11.47 14.44
N TRP D 29 -15.41 -10.27 14.82
CA TRP D 29 -14.48 -9.17 14.93
C TRP D 29 -13.67 -9.20 16.20
N ARG D 30 -14.30 -9.53 17.32
CA ARG D 30 -13.52 -9.55 18.54
C ARG D 30 -12.38 -10.52 18.31
N VAL D 31 -12.64 -11.60 17.58
CA VAL D 31 -11.64 -12.58 17.32
C VAL D 31 -10.54 -11.97 16.47
N ALA D 32 -10.94 -11.30 15.40
CA ALA D 32 -10.00 -10.64 14.52
C ALA D 32 -9.05 -9.78 15.35
N LYS D 33 -9.60 -8.80 16.07
CA LYS D 33 -8.79 -7.94 16.91
C LYS D 33 -7.78 -8.81 17.65
N MET D 34 -8.23 -9.97 18.11
CA MET D 34 -7.32 -10.85 18.79
C MET D 34 -6.25 -11.33 17.84
N VAL D 35 -6.67 -11.89 16.72
CA VAL D 35 -5.71 -12.40 15.74
C VAL D 35 -4.73 -11.32 15.29
N LYS D 36 -5.24 -10.10 15.14
CA LYS D 36 -4.45 -8.92 14.73
C LYS D 36 -3.38 -8.56 15.76
N SER D 37 -3.79 -8.43 17.02
CA SER D 37 -2.87 -8.11 18.11
C SER D 37 -1.79 -9.17 18.24
N TYR D 38 -2.13 -10.42 18.00
CA TYR D 38 -1.10 -11.43 18.09
C TYR D 38 -0.14 -11.16 16.93
N LEU D 39 -0.70 -11.10 15.72
CA LEU D 39 0.12 -10.85 14.53
C LEU D 39 0.99 -9.61 14.72
N GLN D 40 0.39 -8.56 15.25
CA GLN D 40 1.12 -7.33 15.45
C GLN D 40 2.27 -7.54 16.41
N GLN D 41 1.94 -7.93 17.63
CA GLN D 41 2.93 -8.13 18.65
C GLN D 41 4.09 -9.01 18.25
N HIS D 42 3.81 -10.11 17.57
CA HIS D 42 4.88 -11.01 17.17
C HIS D 42 5.42 -10.68 15.81
N ASN D 43 4.97 -9.53 15.30
CA ASN D 43 5.40 -9.02 14.02
C ASN D 43 5.48 -10.14 13.01
N ILE D 44 4.35 -10.78 12.73
CA ILE D 44 4.29 -11.88 11.75
C ILE D 44 3.79 -11.41 10.39
N PRO D 45 4.52 -11.73 9.33
CA PRO D 45 4.03 -11.28 8.03
C PRO D 45 2.64 -11.80 7.66
N GLN D 46 1.74 -10.87 7.36
CA GLN D 46 0.39 -11.19 6.95
C GLN D 46 0.52 -12.28 5.90
N ARG D 47 1.53 -12.11 5.07
CA ARG D 47 1.85 -13.01 3.99
C ARG D 47 1.97 -14.47 4.44
N GLU D 48 2.64 -14.70 5.56
CA GLU D 48 2.82 -16.07 6.07
C GLU D 48 1.47 -16.72 6.30
N VAL D 49 0.52 -15.91 6.71
CA VAL D 49 -0.82 -16.42 6.95
C VAL D 49 -1.40 -16.83 5.62
N VAL D 50 -1.51 -15.85 4.71
CA VAL D 50 -2.07 -16.07 3.37
C VAL D 50 -1.54 -17.32 2.67
N ASP D 51 -0.24 -17.53 2.72
CA ASP D 51 0.36 -18.69 2.07
C ASP D 51 -0.16 -20.02 2.59
N THR D 52 -0.62 -20.03 3.83
CA THR D 52 -1.07 -21.28 4.44
C THR D 52 -2.53 -21.29 4.89
N THR D 53 -3.25 -20.21 4.65
CA THR D 53 -4.65 -20.15 5.02
C THR D 53 -5.42 -20.12 3.72
N GLY D 54 -4.69 -20.13 2.61
CA GLY D 54 -5.33 -20.07 1.32
C GLY D 54 -6.33 -18.94 1.29
N LEU D 55 -6.21 -17.99 2.20
CA LEU D 55 -7.13 -16.86 2.24
C LEU D 55 -6.63 -15.72 1.36
N ASN D 56 -7.58 -14.93 0.87
CA ASN D 56 -7.24 -13.82 0.00
C ASN D 56 -6.64 -12.66 0.74
N GLN D 57 -5.37 -12.35 0.44
CA GLN D 57 -4.61 -11.26 1.08
C GLN D 57 -5.44 -10.01 1.32
N SER D 58 -6.06 -9.53 0.25
CA SER D 58 -6.88 -8.37 0.37
C SER D 58 -7.93 -8.66 1.45
N HIS D 59 -8.67 -9.75 1.25
CA HIS D 59 -9.74 -10.19 2.14
C HIS D 59 -9.32 -10.32 3.61
N LEU D 60 -8.22 -11.03 3.81
CA LEU D 60 -7.70 -11.24 5.15
C LEU D 60 -7.41 -9.92 5.82
N SER D 61 -6.89 -8.98 5.05
CA SER D 61 -6.56 -7.67 5.57
C SER D 61 -7.82 -6.94 5.96
N GLN D 62 -8.72 -6.77 5.01
CA GLN D 62 -9.97 -6.08 5.21
C GLN D 62 -10.71 -6.63 6.43
N HIS D 63 -10.68 -7.94 6.59
CA HIS D 63 -11.36 -8.50 7.73
C HIS D 63 -10.64 -8.13 9.01
N LEU D 64 -9.32 -8.24 9.01
CA LEU D 64 -8.54 -7.96 10.20
C LEU D 64 -8.41 -6.51 10.60
N ASN D 65 -8.40 -5.62 9.64
CA ASN D 65 -8.24 -4.20 9.94
C ASN D 65 -9.52 -3.42 9.88
N LYS D 66 -10.51 -3.97 9.18
CA LYS D 66 -11.80 -3.32 9.03
C LYS D 66 -12.82 -4.38 9.43
N GLY D 67 -14.10 -4.00 9.45
CA GLY D 67 -15.11 -4.98 9.80
C GLY D 67 -15.60 -5.62 8.52
N THR D 68 -14.78 -6.48 7.94
CA THR D 68 -15.14 -7.13 6.69
C THR D 68 -15.64 -8.56 6.95
N PRO D 69 -16.89 -8.85 6.54
CA PRO D 69 -17.50 -10.16 6.71
C PRO D 69 -16.76 -11.28 6.03
N MET D 70 -16.47 -12.34 6.77
CA MET D 70 -15.78 -13.50 6.22
C MET D 70 -16.63 -14.69 6.59
N LYS D 71 -16.84 -15.59 5.64
CA LYS D 71 -17.65 -16.75 5.90
C LYS D 71 -16.88 -17.65 6.84
N THR D 72 -17.64 -18.47 7.56
CA THR D 72 -17.12 -19.37 8.54
C THR D 72 -15.90 -20.19 8.17
N GLN D 73 -16.02 -21.00 7.12
CA GLN D 73 -14.93 -21.90 6.72
C GLN D 73 -13.56 -21.25 6.64
N LYS D 74 -13.53 -20.04 6.09
CA LYS D 74 -12.28 -19.32 5.98
C LYS D 74 -11.88 -18.88 7.39
N ARG D 75 -12.76 -18.13 8.07
CA ARG D 75 -12.45 -17.69 9.44
C ARG D 75 -12.02 -18.88 10.26
N ALA D 76 -12.37 -20.07 9.76
CA ALA D 76 -12.01 -21.31 10.42
C ALA D 76 -10.54 -21.56 10.13
N ALA D 77 -10.16 -21.40 8.86
CA ALA D 77 -8.78 -21.59 8.45
C ALA D 77 -7.92 -20.60 9.22
N LEU D 78 -8.51 -19.45 9.51
CA LEU D 78 -7.81 -18.41 10.25
C LEU D 78 -7.46 -18.90 11.65
N TYR D 79 -8.49 -19.00 12.48
CA TYR D 79 -8.34 -19.45 13.87
C TYR D 79 -7.44 -20.70 13.95
N THR D 80 -7.79 -21.71 13.16
CA THR D 80 -7.00 -22.93 13.16
C THR D 80 -5.54 -22.55 13.01
N TRP D 81 -5.25 -21.65 12.06
CA TRP D 81 -3.87 -21.20 11.83
C TRP D 81 -3.37 -20.46 13.05
N TYR D 82 -4.24 -19.62 13.59
CA TYR D 82 -3.96 -18.81 14.76
C TYR D 82 -3.54 -19.66 15.95
N VAL D 83 -4.39 -20.62 16.30
CA VAL D 83 -4.12 -21.49 17.44
C VAL D 83 -2.95 -22.42 17.16
N ARG D 84 -2.81 -22.86 15.91
CA ARG D 84 -1.70 -23.74 15.60
C ARG D 84 -0.43 -22.91 15.66
N LYS D 85 -0.55 -21.63 15.30
CA LYS D 85 0.60 -20.76 15.31
C LYS D 85 1.14 -20.59 16.71
N GLN D 86 0.24 -20.51 17.69
CA GLN D 86 0.66 -20.35 19.07
C GLN D 86 1.48 -21.56 19.53
N ARG D 87 2.09 -22.23 18.56
CA ARG D 87 2.97 -23.38 18.76
C ARG D 87 4.34 -22.80 19.06
N GLU D 88 4.75 -21.84 18.24
CA GLU D 88 6.04 -21.19 18.37
C GLU D 88 6.30 -20.62 19.76
N VAL D 89 5.37 -20.82 20.66
CA VAL D 89 5.60 -20.43 22.05
C VAL D 89 6.68 -21.39 22.56
N ALA D 90 6.83 -22.41 21.74
CA ALA D 90 7.82 -23.45 21.95
C ALA D 90 9.17 -22.88 21.55
N GLN D 91 9.20 -22.18 20.43
CA GLN D 91 10.43 -21.58 19.92
C GLN D 91 10.99 -20.62 20.94
N GLN D 92 10.12 -19.87 21.61
CA GLN D 92 10.54 -18.91 22.63
C GLN D 92 10.85 -19.71 23.90
N PHE D 93 10.33 -20.93 23.97
CA PHE D 93 10.58 -21.77 25.13
C PHE D 93 11.81 -22.63 24.97
N THR D 94 11.82 -23.46 23.92
CA THR D 94 12.95 -24.35 23.66
C THR D 94 14.20 -23.57 23.29
N HIS D 95 14.36 -22.40 23.89
CA HIS D 95 15.48 -21.51 23.67
C HIS D 95 16.37 -21.89 22.49
N ARG D 117 14.06 -17.09 5.71
CA ARG D 117 12.88 -17.75 5.14
C ARG D 117 11.62 -16.89 5.32
N ASN D 118 11.74 -15.83 6.11
CA ASN D 118 10.63 -14.91 6.42
C ASN D 118 11.24 -13.50 6.58
N ARG D 119 10.85 -12.55 5.73
CA ARG D 119 11.41 -11.19 5.80
C ARG D 119 11.24 -10.45 7.13
N PHE D 120 12.36 -9.91 7.62
CA PHE D 120 12.43 -9.18 8.89
C PHE D 120 11.60 -7.90 8.95
N LYS D 121 11.15 -7.55 10.14
CA LYS D 121 10.38 -6.32 10.31
C LYS D 121 10.57 -5.69 11.68
N TRP D 122 10.55 -4.35 11.70
CA TRP D 122 10.74 -3.58 12.92
C TRP D 122 9.49 -3.43 13.80
N GLY D 123 9.51 -4.05 14.97
CA GLY D 123 8.37 -3.89 15.86
C GLY D 123 8.43 -2.47 16.39
N PRO D 124 7.29 -1.86 16.74
CA PRO D 124 7.28 -0.49 17.24
C PRO D 124 8.28 -0.21 18.37
N ALA D 125 8.23 -1.02 19.42
CA ALA D 125 9.12 -0.88 20.58
C ALA D 125 10.59 -0.72 20.21
N SER D 126 11.05 -1.48 19.21
CA SER D 126 12.44 -1.37 18.78
C SER D 126 12.64 -0.03 18.08
N GLN D 127 11.68 0.36 17.24
CA GLN D 127 11.76 1.60 16.48
C GLN D 127 11.72 2.85 17.35
N GLN D 128 10.74 2.94 18.22
CA GLN D 128 10.63 4.10 19.11
C GLN D 128 11.94 4.27 19.89
N ILE D 129 12.68 3.18 20.04
CA ILE D 129 13.94 3.24 20.74
C ILE D 129 15.06 3.67 19.81
N LEU D 130 14.97 3.28 18.54
CA LEU D 130 15.99 3.64 17.57
C LEU D 130 15.97 5.12 17.19
N PHE D 131 14.82 5.75 17.30
CA PHE D 131 14.76 7.15 16.94
C PHE D 131 15.66 7.97 17.86
N GLN D 132 15.66 7.63 19.14
CA GLN D 132 16.49 8.33 20.12
C GLN D 132 17.96 8.16 19.72
N ALA D 133 18.43 6.92 19.71
CA ALA D 133 19.80 6.62 19.35
C ALA D 133 20.19 7.35 18.06
N TYR D 134 19.23 8.07 17.49
CA TYR D 134 19.44 8.83 16.27
C TYR D 134 19.22 10.32 16.52
N GLU D 135 18.04 10.69 17.03
CA GLU D 135 17.74 12.09 17.31
C GLU D 135 18.71 12.59 18.36
N ARG D 136 19.21 11.65 19.12
CA ARG D 136 20.27 11.94 20.08
C ARG D 136 21.41 12.41 19.21
N GLN D 137 22.02 11.42 18.57
CA GLN D 137 23.09 11.67 17.62
C GLN D 137 23.24 10.49 16.69
N LYS D 138 23.07 10.75 15.39
CA LYS D 138 23.14 9.76 14.33
C LYS D 138 24.34 8.81 14.41
N ASN D 139 25.19 9.00 15.42
CA ASN D 139 26.36 8.15 15.58
C ASN D 139 26.06 6.69 15.27
N PRO D 140 26.63 6.18 14.17
CA PRO D 140 26.41 4.79 13.78
C PRO D 140 27.53 3.88 14.27
N SER D 141 28.24 4.33 15.31
CA SER D 141 29.36 3.58 15.88
C SER D 141 29.03 2.12 16.17
N LYS D 142 29.72 1.23 15.47
CA LYS D 142 29.53 -0.20 15.64
C LYS D 142 29.69 -0.51 17.11
N GLU D 143 30.28 0.43 17.83
CA GLU D 143 30.47 0.28 19.27
C GLU D 143 29.08 0.50 19.86
N GLU D 144 28.31 1.36 19.19
CA GLU D 144 26.95 1.69 19.60
C GLU D 144 25.89 0.89 18.85
N ARG D 145 26.23 0.36 17.68
CA ARG D 145 25.28 -0.41 16.88
C ARG D 145 24.89 -1.67 17.63
N GLU D 146 25.85 -2.60 17.75
CA GLU D 146 25.64 -3.86 18.44
C GLU D 146 25.24 -3.66 19.89
N THR D 147 25.17 -2.40 20.29
CA THR D 147 24.76 -2.03 21.64
C THR D 147 23.25 -1.91 21.56
N LEU D 148 22.81 -1.33 20.45
CA LEU D 148 21.39 -1.14 20.18
C LEU D 148 20.72 -2.46 19.85
N VAL D 149 21.33 -3.25 18.97
CA VAL D 149 20.77 -4.54 18.58
C VAL D 149 20.21 -5.26 19.80
N GLU D 150 21.02 -5.36 20.84
CA GLU D 150 20.60 -6.02 22.07
C GLU D 150 19.57 -5.22 22.86
N GLU D 151 19.61 -3.89 22.79
CA GLU D 151 18.64 -3.08 23.53
C GLU D 151 17.24 -3.21 22.94
N CYS D 152 17.16 -3.23 21.61
CA CYS D 152 15.87 -3.38 20.95
C CYS D 152 15.47 -4.83 21.10
N ASN D 153 16.40 -5.73 20.79
CA ASN D 153 16.14 -7.17 20.92
C ASN D 153 15.56 -7.46 22.29
N ARG D 154 15.75 -6.52 23.21
CA ARG D 154 15.18 -6.70 24.54
C ARG D 154 13.71 -6.38 24.41
N ALA D 155 13.41 -5.10 24.15
CA ALA D 155 12.03 -4.63 23.99
C ALA D 155 11.20 -5.63 23.20
N GLU D 156 11.74 -6.09 22.07
CA GLU D 156 11.04 -7.07 21.25
C GLU D 156 10.54 -8.21 22.10
N CYS D 157 11.47 -8.95 22.73
CA CYS D 157 11.09 -10.08 23.59
C CYS D 157 10.12 -9.61 24.69
N ILE D 158 10.45 -8.51 25.35
CA ILE D 158 9.60 -8.00 26.41
C ILE D 158 8.19 -7.68 25.89
N GLN D 159 8.11 -6.93 24.80
CA GLN D 159 6.82 -6.55 24.21
C GLN D 159 6.04 -7.81 23.93
N ARG D 160 6.74 -8.87 23.52
CA ARG D 160 6.09 -10.13 23.20
C ARG D 160 6.29 -11.21 24.25
N GLY D 161 5.91 -10.92 25.50
CA GLY D 161 6.05 -11.87 26.59
C GLY D 161 7.44 -12.48 26.73
N VAL D 162 7.56 -13.76 26.41
CA VAL D 162 8.84 -14.48 26.48
C VAL D 162 10.01 -13.51 26.41
N SER D 163 10.64 -13.24 27.55
CA SER D 163 11.75 -12.31 27.59
C SER D 163 13.13 -12.94 27.72
N PRO D 164 13.32 -14.21 27.38
CA PRO D 164 14.62 -14.86 27.54
C PRO D 164 15.55 -14.29 26.54
N SER D 165 16.16 -13.19 26.83
CA SER D 165 17.00 -12.51 25.84
C SER D 165 17.88 -13.45 25.00
N GLN D 166 18.54 -14.43 25.64
CA GLN D 166 19.40 -15.36 24.93
C GLN D 166 18.58 -16.45 24.22
N ALA D 167 17.30 -16.18 24.05
CA ALA D 167 16.39 -17.09 23.36
C ALA D 167 16.04 -16.47 22.03
N GLN D 168 16.97 -16.63 21.09
CA GLN D 168 16.82 -16.10 19.70
C GLN D 168 15.51 -16.58 19.12
N GLY D 169 14.41 -16.30 19.82
CA GLY D 169 13.10 -16.73 19.39
C GLY D 169 12.48 -15.77 18.40
N LEU D 170 13.01 -14.55 18.35
CA LEU D 170 12.49 -13.56 17.43
C LEU D 170 12.75 -14.08 16.01
N GLY D 171 13.58 -15.11 15.91
CA GLY D 171 13.89 -15.72 14.62
C GLY D 171 14.09 -14.73 13.49
N SER D 172 13.18 -14.73 12.52
CA SER D 172 13.27 -13.84 11.38
C SER D 172 13.22 -12.36 11.76
N ASN D 173 12.58 -12.05 12.89
CA ASN D 173 12.50 -10.66 13.33
C ASN D 173 13.58 -10.26 14.33
N LEU D 174 14.59 -11.10 14.51
CA LEU D 174 15.67 -10.79 15.46
C LEU D 174 16.61 -9.66 15.00
N VAL D 175 16.63 -8.57 15.76
CA VAL D 175 17.46 -7.42 15.44
C VAL D 175 18.94 -7.79 15.31
N THR D 176 19.57 -7.30 14.26
CA THR D 176 20.99 -7.59 14.03
C THR D 176 21.77 -6.31 13.68
N GLU D 177 23.09 -6.37 13.85
CA GLU D 177 23.99 -5.26 13.55
C GLU D 177 23.66 -4.63 12.20
N VAL D 178 23.52 -5.46 11.18
CA VAL D 178 23.22 -4.98 9.85
C VAL D 178 21.91 -4.20 9.76
N ARG D 179 20.87 -4.69 10.45
CA ARG D 179 19.59 -4.00 10.42
C ARG D 179 19.79 -2.56 10.85
N VAL D 180 20.05 -2.38 12.15
CA VAL D 180 20.24 -1.05 12.72
C VAL D 180 21.06 -0.18 11.78
N TYR D 181 21.94 -0.81 11.02
CA TYR D 181 22.76 -0.07 10.09
C TYR D 181 21.83 0.50 9.03
N ASN D 182 21.27 -0.38 8.20
CA ASN D 182 20.38 0.08 7.17
C ASN D 182 19.35 1.04 7.73
N TRP D 183 18.92 0.80 8.96
CA TRP D 183 17.92 1.67 9.57
C TRP D 183 18.50 3.07 9.64
N PHE D 184 19.53 3.24 10.45
CA PHE D 184 20.20 4.52 10.55
C PHE D 184 20.46 5.05 9.15
N ALA D 185 21.10 4.22 8.33
CA ALA D 185 21.41 4.60 6.97
C ALA D 185 20.19 5.25 6.32
N ASN D 186 19.14 4.44 6.19
CA ASN D 186 17.87 4.83 5.59
C ASN D 186 17.31 6.11 6.19
N ARG D 187 17.10 6.13 7.50
CA ARG D 187 16.54 7.30 8.14
C ARG D 187 17.32 8.53 7.71
N ARG D 188 18.65 8.46 7.75
CA ARG D 188 19.43 9.61 7.31
C ARG D 188 18.98 9.99 5.89
N LYS D 189 19.12 9.05 4.96
CA LYS D 189 18.73 9.27 3.57
C LYS D 189 17.24 9.55 3.43
N GLU D 190 16.54 9.51 4.56
CA GLU D 190 15.11 9.76 4.59
C GLU D 190 14.91 11.27 4.56
N GLU D 191 16.00 11.98 4.86
CA GLU D 191 15.96 13.44 4.86
C GLU D 191 16.25 14.01 3.46
N ALA D 192 15.33 13.77 2.52
CA ALA D 192 15.46 14.26 1.14
C ALA D 192 14.44 15.36 0.84
N PHE D 193 14.14 15.57 -0.43
CA PHE D 193 13.21 16.63 -0.84
C PHE D 193 11.84 16.59 -0.17
N ARG D 194 11.57 17.64 0.61
CA ARG D 194 10.31 17.77 1.34
C ARG D 194 9.67 19.13 1.07
#